data_8HBW
#
_entry.id   8HBW
#
_cell.length_a   1.00
_cell.length_b   1.00
_cell.length_c   1.00
_cell.angle_alpha   90.00
_cell.angle_beta   90.00
_cell.angle_gamma   90.00
#
_symmetry.space_group_name_H-M   'P 1'
#
loop_
_entity.id
_entity.type
_entity.pdbx_description
1 polymer 'Mitochondrial brown fat uncoupling protein 1'
2 polymer 'Sybody 12F2'
3 non-polymer "ADENOSINE-5'-TRIPHOSPHATE"
4 non-polymer CARDIOLIPIN
5 non-polymer 1,2-DIACYL-SN-GLYCERO-3-PHOSPHOCHOLINE
#
loop_
_entity_poly.entity_id
_entity_poly.type
_entity_poly.pdbx_seq_one_letter_code
_entity_poly.pdbx_strand_id
1 'polypeptide(L)'
;MSRLEEELRRRLTEGSGGWSHPQFEKGSGDYKDDDDKGSGWSHPQFEKLEVLFQGPMGGLTASDVHPTLGVQLFSAGIAA
CLADVITFPLDTAKVRLQVQGECPTSSVIRYKGVLGTITAVVKTEGRMKLYSGLPAGLQRQISSASLRIGLYDTVQEFLT
AGKETAPSLGSKILAGLTTGGVAVFIGQPTEVVKVRLQAQSHLHGIKPRYTGTYNAYRIIATTEGLTGLWKGTTPNLMRS
VIINCTELVTYDLMKEAFVKNNILADDVPCHLVSALIAGFCATAMSSPVDVVKTRFINSPPGQYKSVPNCAMKVFTNEGP
TAFFKGLVPSFLRLGSWNVIMFVCFEQLKRELSKSRQTMDCAT
;
A
2 'polypeptide(L)'
;MGQVQLVESGGGLVQAGGSLRLSCAASGFPVMYYNMHWYRQAPGKEREWVAAIESTGWWAHYADSVKGRFTISRDNAKNT
VYLQMNSLKPEDTAVYYCNVKDFGWRWEAYDYWGQGTQVTVSSLEHHHHHH
;
B
#
loop_
_chem_comp.id
_chem_comp.type
_chem_comp.name
_chem_comp.formula
ATP non-polymer ADENOSINE-5'-TRIPHOSPHATE 'C10 H16 N5 O13 P3'
CDL non-polymer CARDIOLIPIN 'C81 H156 O17 P2 -2'
PC1 non-polymer 1,2-DIACYL-SN-GLYCERO-3-PHOSPHOCHOLINE 'C44 H88 N O8 P'
#
# COMPACT_ATOMS: atom_id res chain seq x y z
N HIS A 66 35.97 18.74 10.71
CA HIS A 66 34.62 18.21 10.77
C HIS A 66 33.63 19.11 10.04
N PRO A 67 32.78 18.50 9.21
CA PRO A 67 31.81 19.29 8.45
C PRO A 67 30.92 20.13 9.35
N THR A 68 30.61 21.33 8.88
CA THR A 68 29.67 22.23 9.52
C THR A 68 28.25 21.68 9.37
N LEU A 69 27.36 22.07 10.28
CA LEU A 69 25.98 21.62 10.19
C LEU A 69 25.32 22.05 8.88
N GLY A 70 25.70 23.21 8.34
CA GLY A 70 25.20 23.61 7.02
C GLY A 70 25.72 22.71 5.92
N VAL A 71 27.01 22.40 5.95
CA VAL A 71 27.58 21.44 5.01
C VAL A 71 26.90 20.09 5.15
N GLN A 72 26.62 19.67 6.39
CA GLN A 72 25.94 18.40 6.61
C GLN A 72 24.54 18.40 6.00
N LEU A 73 23.78 19.47 6.21
CA LEU A 73 22.42 19.51 5.65
C LEU A 73 22.46 19.51 4.12
N PHE A 74 23.34 20.32 3.53
CA PHE A 74 23.44 20.37 2.08
C PHE A 74 23.87 19.04 1.51
N SER A 75 24.85 18.40 2.14
CA SER A 75 25.39 17.13 1.66
C SER A 75 24.35 16.03 1.79
N ALA A 76 23.62 15.99 2.90
CA ALA A 76 22.56 15.00 3.06
C ALA A 76 21.47 15.20 2.02
N GLY A 77 21.12 16.46 1.74
CA GLY A 77 20.11 16.70 0.72
C GLY A 77 20.54 16.24 -0.65
N ILE A 78 21.77 16.57 -1.05
CA ILE A 78 22.26 16.15 -2.36
C ILE A 78 22.37 14.64 -2.45
N ALA A 79 22.94 14.01 -1.43
CA ALA A 79 23.10 12.55 -1.44
C ALA A 79 21.76 11.87 -1.49
N ALA A 80 20.79 12.35 -0.71
CA ALA A 80 19.46 11.77 -0.70
C ALA A 80 18.79 11.94 -2.06
N CYS A 81 18.98 13.10 -2.70
CA CYS A 81 18.41 13.29 -4.03
C CYS A 81 19.02 12.37 -5.06
N LEU A 82 20.35 12.18 -5.02
CA LEU A 82 20.98 11.25 -5.95
C LEU A 82 20.50 9.82 -5.71
N ALA A 83 20.44 9.40 -4.45
CA ALA A 83 19.94 8.06 -4.14
C ALA A 83 18.50 7.89 -4.60
N ASP A 84 17.66 8.91 -4.37
CA ASP A 84 16.25 8.82 -4.71
C ASP A 84 16.05 8.78 -6.21
N VAL A 85 16.79 9.60 -6.97
CA VAL A 85 16.62 9.57 -8.42
C VAL A 85 17.15 8.26 -8.98
N ILE A 86 18.20 7.68 -8.38
CA ILE A 86 18.71 6.42 -8.89
C ILE A 86 17.75 5.27 -8.58
N THR A 87 17.16 5.26 -7.39
CA THR A 87 16.38 4.12 -6.93
C THR A 87 14.88 4.33 -7.05
N PHE A 88 14.44 5.41 -7.69
CA PHE A 88 13.00 5.68 -7.80
C PHE A 88 12.19 4.59 -8.48
N PRO A 89 12.64 3.95 -9.57
CA PRO A 89 11.83 2.86 -10.14
C PRO A 89 11.53 1.74 -9.16
N LEU A 90 12.44 1.45 -8.22
CA LEU A 90 12.14 0.49 -7.16
C LEU A 90 10.99 0.97 -6.30
N ASP A 91 10.96 2.26 -5.99
CA ASP A 91 9.84 2.82 -5.22
C ASP A 91 8.53 2.71 -5.99
N THR A 92 8.56 3.02 -7.27
CA THR A 92 7.35 2.89 -8.08
C THR A 92 6.87 1.45 -8.14
N ALA A 93 7.81 0.50 -8.29
CA ALA A 93 7.44 -0.91 -8.31
C ALA A 93 6.83 -1.34 -6.98
N LYS A 94 7.43 -0.91 -5.87
CA LYS A 94 6.89 -1.27 -4.57
C LYS A 94 5.48 -0.71 -4.38
N VAL A 95 5.26 0.54 -4.78
CA VAL A 95 3.95 1.14 -4.64
C VAL A 95 2.93 0.43 -5.52
N ARG A 96 3.30 0.09 -6.76
CA ARG A 96 2.35 -0.58 -7.64
C ARG A 96 2.04 -1.99 -7.15
N LEU A 97 3.00 -2.64 -6.50
CA LEU A 97 2.74 -3.95 -5.92
C LEU A 97 1.88 -3.85 -4.67
N GLN A 98 1.99 -2.75 -3.92
CA GLN A 98 1.27 -2.62 -2.67
C GLN A 98 -0.20 -2.29 -2.86
N VAL A 99 -0.57 -1.56 -3.91
CA VAL A 99 -1.96 -1.23 -4.17
C VAL A 99 -2.60 -2.18 -5.17
N GLN A 100 -1.93 -3.28 -5.50
CA GLN A 100 -2.38 -4.12 -6.61
C GLN A 100 -3.70 -4.80 -6.30
N GLY A 101 -3.82 -5.45 -5.15
CA GLY A 101 -5.02 -6.19 -4.87
C GLY A 101 -6.16 -5.41 -4.25
N GLU A 102 -6.00 -4.10 -4.10
CA GLU A 102 -7.02 -3.31 -3.41
C GLU A 102 -8.32 -3.26 -4.21
N CYS A 103 -8.22 -2.95 -5.50
CA CYS A 103 -9.38 -2.89 -6.38
C CYS A 103 -9.18 -3.89 -7.49
N PRO A 104 -10.13 -4.79 -7.74
CA PRO A 104 -9.96 -5.75 -8.84
C PRO A 104 -9.84 -5.05 -10.19
N THR A 105 -9.03 -5.64 -11.05
CA THR A 105 -8.74 -5.08 -12.36
C THR A 105 -9.33 -5.98 -13.44
N SER A 106 -9.86 -5.35 -14.49
CA SER A 106 -10.27 -6.08 -15.69
C SER A 106 -9.14 -6.22 -16.69
N SER A 107 -8.02 -5.54 -16.49
CA SER A 107 -6.88 -5.63 -17.38
C SER A 107 -6.04 -6.86 -17.07
N VAL A 108 -5.34 -7.35 -18.08
CA VAL A 108 -4.46 -8.51 -17.92
C VAL A 108 -3.08 -8.14 -17.43
N ILE A 109 -2.83 -6.87 -17.13
CA ILE A 109 -1.52 -6.41 -16.69
C ILE A 109 -1.44 -6.58 -15.18
N ARG A 110 -0.78 -7.64 -14.73
CA ARG A 110 -0.55 -7.86 -13.31
C ARG A 110 0.93 -7.73 -13.03
N TYR A 111 1.27 -7.12 -11.90
CA TYR A 111 2.64 -6.90 -11.51
C TYR A 111 3.12 -8.02 -10.60
N LYS A 112 4.30 -8.55 -10.89
CA LYS A 112 4.90 -9.59 -10.07
C LYS A 112 6.41 -9.41 -10.10
N GLY A 113 7.03 -9.31 -8.94
CA GLY A 113 8.45 -9.16 -8.87
C GLY A 113 8.90 -7.77 -9.24
N VAL A 114 10.11 -7.39 -8.85
CA VAL A 114 10.60 -6.05 -9.14
C VAL A 114 10.81 -5.88 -10.65
N LEU A 115 11.47 -6.84 -11.28
CA LEU A 115 11.72 -6.73 -12.72
C LEU A 115 10.44 -6.82 -13.52
N GLY A 116 9.54 -7.74 -13.13
CA GLY A 116 8.28 -7.85 -13.82
C GLY A 116 7.43 -6.59 -13.69
N THR A 117 7.42 -6.00 -12.50
CA THR A 117 6.66 -4.75 -12.32
C THR A 117 7.27 -3.61 -13.10
N ILE A 118 8.60 -3.48 -13.08
CA ILE A 118 9.26 -2.40 -13.80
C ILE A 118 9.00 -2.53 -15.29
N THR A 119 9.15 -3.74 -15.82
CA THR A 119 8.94 -3.94 -17.25
C THR A 119 7.48 -3.75 -17.62
N ALA A 120 6.56 -4.21 -16.78
CA ALA A 120 5.14 -4.03 -17.07
C ALA A 120 4.78 -2.55 -17.13
N VAL A 121 5.26 -1.77 -16.17
CA VAL A 121 5.00 -0.34 -16.18
C VAL A 121 5.61 0.31 -17.43
N VAL A 122 6.85 -0.03 -17.73
CA VAL A 122 7.54 0.60 -18.86
C VAL A 122 6.82 0.30 -20.16
N LYS A 123 6.38 -0.93 -20.34
CA LYS A 123 5.80 -1.32 -21.60
C LYS A 123 4.34 -1.04 -21.74
N THR A 124 3.62 -0.90 -20.67
CA THR A 124 2.22 -0.54 -20.81
C THR A 124 1.98 0.97 -20.71
N GLU A 125 2.85 1.70 -20.00
CA GLU A 125 2.57 3.12 -19.82
C GLU A 125 3.83 4.00 -19.86
N GLY A 126 4.95 3.49 -20.34
CA GLY A 126 6.06 4.35 -20.69
C GLY A 126 7.18 4.34 -19.66
N ARG A 127 8.37 4.78 -20.11
CA ARG A 127 9.51 4.94 -19.21
C ARG A 127 9.22 5.95 -18.12
N MET A 128 8.66 7.10 -18.50
CA MET A 128 8.52 8.21 -17.58
C MET A 128 7.56 7.91 -16.45
N LYS A 129 6.70 6.91 -16.62
CA LYS A 129 5.75 6.59 -15.56
C LYS A 129 6.45 5.90 -14.39
N LEU A 130 7.64 5.35 -14.62
CA LEU A 130 8.46 4.87 -13.51
C LEU A 130 8.83 6.02 -12.59
N TYR A 131 9.14 7.18 -13.16
CA TYR A 131 9.50 8.36 -12.40
C TYR A 131 8.31 9.29 -12.20
N SER A 132 7.18 8.74 -11.77
CA SER A 132 5.97 9.52 -11.57
C SER A 132 5.93 9.98 -10.13
N GLY A 133 5.89 11.29 -9.93
CA GLY A 133 6.09 11.83 -8.61
C GLY A 133 7.54 12.00 -8.22
N LEU A 134 8.46 11.90 -9.17
CA LEU A 134 9.87 12.08 -8.86
C LEU A 134 10.19 13.46 -8.28
N PRO A 135 9.63 14.57 -8.80
CA PRO A 135 9.88 15.86 -8.13
C PRO A 135 9.37 15.91 -6.71
N ALA A 136 8.27 15.22 -6.40
CA ALA A 136 7.82 15.11 -5.02
C ALA A 136 8.83 14.33 -4.19
N GLY A 137 9.39 13.26 -4.75
CA GLY A 137 10.44 12.53 -4.05
C GLY A 137 11.68 13.36 -3.80
N LEU A 138 12.03 14.22 -4.76
CA LEU A 138 13.19 15.09 -4.60
C LEU A 138 12.92 16.15 -3.55
N GLN A 139 11.71 16.71 -3.52
CA GLN A 139 11.36 17.64 -2.45
C GLN A 139 11.38 16.93 -1.10
N ARG A 140 10.93 15.68 -1.06
CA ARG A 140 11.01 14.89 0.17
C ARG A 140 12.46 14.75 0.61
N GLN A 141 13.36 14.45 -0.32
CA GLN A 141 14.77 14.43 0.03
C GLN A 141 15.19 15.77 0.61
N ILE A 142 15.08 16.82 -0.21
CA ILE A 142 15.60 18.16 0.12
C ILE A 142 15.12 18.63 1.49
N SER A 143 13.88 18.32 1.85
CA SER A 143 13.44 18.75 3.18
C SER A 143 13.61 17.65 4.22
N SER A 144 12.84 16.57 4.05
CA SER A 144 12.75 15.53 5.07
C SER A 144 14.08 14.83 5.26
N ALA A 145 14.68 14.32 4.18
CA ALA A 145 15.87 13.50 4.33
C ALA A 145 17.09 14.34 4.64
N SER A 146 17.15 15.55 4.10
CA SER A 146 18.18 16.48 4.50
C SER A 146 18.17 16.69 6.01
N LEU A 147 16.99 16.95 6.58
CA LEU A 147 16.91 17.11 8.03
C LEU A 147 17.30 15.82 8.74
N ARG A 148 16.67 14.70 8.34
CA ARG A 148 16.84 13.44 9.06
C ARG A 148 18.28 12.95 9.06
N ILE A 149 19.03 13.20 7.99
CA ILE A 149 20.40 12.71 7.89
C ILE A 149 21.41 13.74 8.36
N GLY A 150 21.20 15.03 8.06
CA GLY A 150 22.15 16.04 8.48
C GLY A 150 22.06 16.42 9.93
N LEU A 151 20.90 16.25 10.57
CA LEU A 151 20.75 16.58 11.97
C LEU A 151 21.06 15.41 12.89
N TYR A 152 21.29 14.22 12.34
CA TYR A 152 21.47 13.06 13.19
C TYR A 152 22.69 13.22 14.09
N ASP A 153 23.79 13.73 13.56
CA ASP A 153 24.99 13.89 14.37
C ASP A 153 24.84 14.99 15.41
N THR A 154 24.14 16.07 15.07
CA THR A 154 23.90 17.09 16.07
C THR A 154 23.06 16.55 17.22
N VAL A 155 22.00 15.79 16.91
CA VAL A 155 21.18 15.20 17.97
C VAL A 155 21.98 14.18 18.77
N GLN A 156 22.75 13.34 18.08
CA GLN A 156 23.51 12.29 18.74
C GLN A 156 24.59 12.87 19.65
N GLU A 157 25.24 13.96 19.23
CA GLU A 157 26.15 14.68 20.11
C GLU A 157 25.41 15.30 21.29
N PHE A 158 24.23 15.85 21.05
CA PHE A 158 23.48 16.45 22.15
C PHE A 158 23.18 15.41 23.20
N LEU A 159 22.86 14.19 22.78
CA LEU A 159 22.54 13.13 23.73
C LEU A 159 23.79 12.56 24.40
N THR A 160 24.72 12.03 23.60
CA THR A 160 25.84 11.30 24.18
C THR A 160 26.90 12.21 24.79
N ALA A 161 27.16 13.37 24.20
CA ALA A 161 28.26 14.22 24.67
C ALA A 161 27.87 15.08 25.86
N GLY A 162 26.62 15.02 26.30
CA GLY A 162 26.25 15.70 27.53
C GLY A 162 27.01 15.18 28.74
N LYS A 163 27.34 13.88 28.72
CA LYS A 163 28.09 13.25 29.80
C LYS A 163 29.40 12.64 29.33
N GLU A 164 29.84 12.95 28.11
CA GLU A 164 31.03 12.34 27.51
C GLU A 164 30.90 10.82 27.47
N THR A 165 29.90 10.37 26.71
CA THR A 165 29.52 8.97 26.67
C THR A 165 29.71 8.40 25.27
N ALA A 166 30.09 7.13 25.20
CA ALA A 166 30.09 6.42 23.93
C ALA A 166 28.64 6.18 23.49
N PRO A 167 28.40 6.18 22.17
CA PRO A 167 27.00 6.09 21.71
C PRO A 167 26.39 4.71 21.95
N SER A 168 25.52 4.61 22.94
CA SER A 168 24.88 3.33 23.20
C SER A 168 23.82 3.05 22.15
N LEU A 169 23.28 1.82 22.20
CA LEU A 169 22.18 1.48 21.32
C LEU A 169 20.97 2.37 21.58
N GLY A 170 20.67 2.63 22.85
CA GLY A 170 19.55 3.49 23.17
C GLY A 170 19.76 4.92 22.69
N SER A 171 20.99 5.42 22.80
CA SER A 171 21.29 6.76 22.30
C SER A 171 21.03 6.85 20.81
N LYS A 172 21.50 5.84 20.06
CA LYS A 172 21.26 5.82 18.62
C LYS A 172 19.77 5.73 18.31
N ILE A 173 19.05 4.87 19.03
CA ILE A 173 17.62 4.72 18.80
C ILE A 173 16.91 6.04 19.02
N LEU A 174 17.23 6.71 20.11
CA LEU A 174 16.57 7.96 20.47
C LEU A 174 16.89 9.06 19.46
N ALA A 175 18.16 9.19 19.07
CA ALA A 175 18.52 10.20 18.08
C ALA A 175 17.81 9.95 16.76
N GLY A 176 17.79 8.69 16.31
CA GLY A 176 17.11 8.37 15.07
C GLY A 176 15.62 8.63 15.16
N LEU A 177 15.00 8.30 16.29
CA LEU A 177 13.57 8.53 16.45
C LEU A 177 13.26 10.02 16.38
N THR A 178 14.06 10.84 17.06
CA THR A 178 13.85 12.28 17.01
C THR A 178 13.94 12.81 15.59
N THR A 179 15.05 12.52 14.91
CA THR A 179 15.25 13.06 13.57
C THR A 179 14.22 12.51 12.59
N GLY A 180 13.90 11.23 12.68
CA GLY A 180 12.95 10.63 11.77
C GLY A 180 11.54 11.13 11.99
N GLY A 181 11.13 11.33 13.24
CA GLY A 181 9.81 11.87 13.48
C GLY A 181 9.66 13.29 12.96
N VAL A 182 10.66 14.13 13.24
CA VAL A 182 10.61 15.50 12.74
C VAL A 182 10.58 15.50 11.21
N ALA A 183 11.41 14.65 10.59
CA ALA A 183 11.45 14.59 9.13
C ALA A 183 10.14 14.10 8.54
N VAL A 184 9.53 13.09 9.17
CA VAL A 184 8.25 12.57 8.69
C VAL A 184 7.20 13.66 8.71
N PHE A 185 7.11 14.39 9.83
CA PHE A 185 6.10 15.44 9.91
C PHE A 185 6.37 16.54 8.89
N ILE A 186 7.63 16.93 8.73
CA ILE A 186 7.95 18.00 7.78
C ILE A 186 7.60 17.59 6.36
N GLY A 187 7.98 16.38 5.96
CA GLY A 187 7.84 15.97 4.59
C GLY A 187 6.67 15.08 4.25
N GLN A 188 5.66 14.99 5.11
CA GLN A 188 4.47 14.23 4.76
C GLN A 188 3.76 14.71 3.49
N PRO A 189 3.62 16.00 3.20
CA PRO A 189 2.98 16.38 1.92
C PRO A 189 3.66 15.79 0.71
N THR A 190 4.99 15.77 0.73
CA THR A 190 5.76 15.16 -0.35
C THR A 190 5.45 13.68 -0.46
N GLU A 191 5.36 12.98 0.67
CA GLU A 191 5.04 11.56 0.65
C GLU A 191 3.65 11.30 0.08
N VAL A 192 2.67 12.12 0.47
CA VAL A 192 1.31 11.95 -0.02
C VAL A 192 1.28 12.12 -1.54
N VAL A 193 1.86 13.21 -2.03
CA VAL A 193 1.83 13.49 -3.46
C VAL A 193 2.59 12.41 -4.23
N LYS A 194 3.76 12.01 -3.72
CA LYS A 194 4.57 11.02 -4.42
C LYS A 194 3.88 9.68 -4.48
N VAL A 195 3.29 9.23 -3.37
CA VAL A 195 2.61 7.94 -3.37
C VAL A 195 1.40 7.98 -4.30
N ARG A 196 0.63 9.07 -4.28
CA ARG A 196 -0.55 9.12 -5.12
C ARG A 196 -0.19 9.19 -6.60
N LEU A 197 0.95 9.81 -6.94
CA LEU A 197 1.37 9.82 -8.33
C LEU A 197 1.96 8.48 -8.76
N GLN A 198 2.67 7.81 -7.85
CA GLN A 198 3.23 6.50 -8.17
C GLN A 198 2.14 5.46 -8.36
N ALA A 199 1.07 5.54 -7.57
CA ALA A 199 0.04 4.51 -7.62
C ALA A 199 -0.98 4.72 -8.72
N GLN A 200 -1.05 5.90 -9.32
CA GLN A 200 -2.11 6.19 -10.28
C GLN A 200 -1.76 5.60 -11.64
N SER A 201 -2.79 5.12 -12.34
CA SER A 201 -2.62 4.48 -13.62
C SER A 201 -3.85 4.72 -14.47
N HIS A 202 -3.68 4.57 -15.78
CA HIS A 202 -4.79 4.64 -16.72
C HIS A 202 -5.29 3.25 -17.11
N LEU A 203 -4.74 2.19 -16.52
CA LEU A 203 -4.98 0.83 -16.99
C LEU A 203 -5.92 0.03 -16.12
N HIS A 204 -6.09 0.37 -14.85
CA HIS A 204 -6.76 -0.50 -13.90
C HIS A 204 -8.13 0.02 -13.48
N GLY A 205 -8.72 0.92 -14.25
CA GLY A 205 -10.07 1.35 -14.01
C GLY A 205 -10.25 2.44 -12.98
N ILE A 206 -9.19 2.85 -12.32
CA ILE A 206 -9.24 3.97 -11.37
C ILE A 206 -8.72 5.20 -12.07
N LYS A 207 -9.50 6.27 -12.05
CA LYS A 207 -9.13 7.47 -12.77
C LYS A 207 -7.99 8.19 -12.07
N PRO A 208 -6.90 8.51 -12.77
CA PRO A 208 -5.87 9.36 -12.18
C PRO A 208 -6.45 10.72 -11.81
N ARG A 209 -6.03 11.22 -10.65
CA ARG A 209 -6.52 12.49 -10.15
C ARG A 209 -5.63 13.65 -10.52
N TYR A 210 -4.35 13.40 -10.79
CA TYR A 210 -3.37 14.46 -10.92
C TYR A 210 -2.56 14.28 -12.19
N THR A 211 -2.10 15.39 -12.73
CA THR A 211 -1.26 15.39 -13.91
C THR A 211 0.23 15.46 -13.57
N GLY A 212 0.56 15.84 -12.34
CA GLY A 212 1.95 15.98 -11.97
C GLY A 212 2.06 16.31 -10.51
N THR A 213 3.30 16.61 -10.08
CA THR A 213 3.58 16.84 -8.68
C THR A 213 2.90 18.11 -8.18
N TYR A 214 3.10 19.22 -8.89
CA TYR A 214 2.54 20.49 -8.45
C TYR A 214 1.04 20.57 -8.69
N ASN A 215 0.55 19.90 -9.72
CA ASN A 215 -0.89 19.77 -9.87
C ASN A 215 -1.51 19.01 -8.71
N ALA A 216 -0.86 17.92 -8.29
CA ALA A 216 -1.36 17.18 -7.12
C ALA A 216 -1.31 18.04 -5.87
N TYR A 217 -0.23 18.78 -5.68
CA TYR A 217 -0.15 19.69 -4.54
C TYR A 217 -1.32 20.65 -4.54
N ARG A 218 -1.57 21.31 -5.67
CA ARG A 218 -2.63 22.31 -5.75
C ARG A 218 -4.01 21.69 -5.55
N ILE A 219 -4.25 20.52 -6.15
CA ILE A 219 -5.57 19.90 -6.04
C ILE A 219 -5.81 19.42 -4.60
N ILE A 220 -4.84 18.74 -4.00
CA ILE A 220 -5.04 18.27 -2.64
C ILE A 220 -5.19 19.45 -1.69
N ALA A 221 -4.38 20.49 -1.86
CA ALA A 221 -4.48 21.64 -0.96
C ALA A 221 -5.82 22.34 -1.09
N THR A 222 -6.39 22.42 -2.29
CA THR A 222 -7.64 23.16 -2.45
C THR A 222 -8.89 22.31 -2.37
N THR A 223 -8.79 20.99 -2.33
CA THR A 223 -9.96 20.14 -2.23
C THR A 223 -10.00 19.30 -0.97
N GLU A 224 -8.85 18.97 -0.39
CA GLU A 224 -8.79 18.18 0.82
C GLU A 224 -8.27 18.97 2.01
N GLY A 225 -7.92 20.24 1.83
CA GLY A 225 -7.36 21.03 2.88
C GLY A 225 -5.88 20.77 3.07
N LEU A 226 -5.23 21.71 3.77
CA LEU A 226 -3.81 21.55 4.04
C LEU A 226 -3.56 20.34 4.93
N THR A 227 -4.53 19.97 5.76
CA THR A 227 -4.42 18.77 6.57
C THR A 227 -4.48 17.51 5.71
N GLY A 228 -5.15 17.56 4.57
CA GLY A 228 -5.17 16.44 3.65
C GLY A 228 -3.82 16.16 3.04
N LEU A 229 -2.90 17.10 3.12
CA LEU A 229 -1.52 16.88 2.71
C LEU A 229 -0.72 16.16 3.78
N TRP A 230 -1.24 16.01 4.99
CA TRP A 230 -0.61 15.25 6.04
C TRP A 230 -1.32 13.98 6.31
N LYS A 231 -2.10 13.51 5.37
CA LYS A 231 -2.75 12.22 5.51
C LYS A 231 -1.72 11.10 5.60
N GLY A 232 -1.97 10.14 6.49
CA GLY A 232 -1.05 9.04 6.66
C GLY A 232 0.18 9.37 7.46
N THR A 233 0.15 10.32 8.35
CA THR A 233 1.33 10.71 9.04
C THR A 233 1.62 9.70 10.12
N THR A 234 0.60 9.26 10.82
CA THR A 234 0.85 8.34 11.93
C THR A 234 1.31 6.96 11.45
N PRO A 235 0.76 6.37 10.38
CA PRO A 235 1.39 5.15 9.85
C PRO A 235 2.81 5.37 9.38
N ASN A 236 3.11 6.55 8.84
CA ASN A 236 4.48 6.85 8.43
C ASN A 236 5.40 7.00 9.63
N LEU A 237 4.92 7.60 10.71
CA LEU A 237 5.68 7.67 11.95
C LEU A 237 5.95 6.30 12.53
N MET A 238 4.94 5.45 12.51
CA MET A 238 5.09 4.10 12.97
C MET A 238 6.09 3.33 12.15
N ARG A 239 6.04 3.47 10.84
CA ARG A 239 6.99 2.80 9.97
C ARG A 239 8.41 3.29 10.24
N SER A 240 8.55 4.58 10.49
CA SER A 240 9.84 5.16 10.80
C SER A 240 10.38 4.64 12.11
N VAL A 241 9.54 4.49 13.10
CA VAL A 241 9.95 3.95 14.40
C VAL A 241 10.39 2.50 14.25
N ILE A 242 9.59 1.70 13.54
CA ILE A 242 9.89 0.29 13.37
C ILE A 242 11.20 0.12 12.60
N ILE A 243 11.36 0.86 11.50
CA ILE A 243 12.57 0.75 10.70
C ILE A 243 13.79 1.09 11.56
N ASN A 244 13.73 2.15 12.32
CA ASN A 244 14.87 2.58 13.09
C ASN A 244 15.24 1.63 14.17
N CYS A 245 14.26 1.23 14.95
CA CYS A 245 14.54 0.32 16.06
C CYS A 245 15.01 -1.03 15.55
N THR A 246 14.31 -1.58 14.55
CA THR A 246 14.67 -2.89 14.04
C THR A 246 16.06 -2.87 13.41
N GLU A 247 16.37 -1.84 12.66
CA GLU A 247 17.65 -1.83 11.98
C GLU A 247 18.77 -1.73 12.96
N LEU A 248 18.66 -0.88 13.95
CA LEU A 248 19.76 -0.70 14.88
C LEU A 248 19.93 -1.92 15.79
N VAL A 249 18.82 -2.41 16.35
CA VAL A 249 18.89 -3.58 17.22
C VAL A 249 19.40 -4.80 16.46
N THR A 250 18.87 -5.02 15.25
CA THR A 250 19.30 -6.17 14.47
C THR A 250 20.75 -6.04 14.06
N TYR A 251 21.20 -4.84 13.69
CA TYR A 251 22.59 -4.69 13.31
C TYR A 251 23.52 -5.05 14.47
N ASP A 252 23.25 -4.53 15.66
CA ASP A 252 24.11 -4.86 16.80
C ASP A 252 24.01 -6.33 17.16
N LEU A 253 22.81 -6.90 17.07
CA LEU A 253 22.65 -8.30 17.42
C LEU A 253 23.43 -9.20 16.47
N MET A 254 23.37 -8.92 15.16
CA MET A 254 24.13 -9.71 14.21
C MET A 254 25.62 -9.47 14.32
N LYS A 255 26.03 -8.23 14.59
CA LYS A 255 27.45 -7.97 14.79
C LYS A 255 28.01 -8.80 15.93
N GLU A 256 27.30 -8.82 17.06
CA GLU A 256 27.74 -9.68 18.15
C GLU A 256 27.66 -11.15 17.76
N ALA A 257 26.60 -11.56 17.06
CA ALA A 257 26.41 -12.97 16.76
C ALA A 257 27.57 -13.49 15.91
N PHE A 258 27.99 -12.69 14.93
CA PHE A 258 29.16 -13.05 14.13
C PHE A 258 30.45 -13.01 14.96
N VAL A 259 30.60 -12.01 15.84
CA VAL A 259 31.85 -11.89 16.60
C VAL A 259 32.01 -13.00 17.65
N LYS A 260 30.94 -13.49 18.25
CA LYS A 260 31.09 -14.46 19.34
C LYS A 260 31.00 -15.91 18.87
N ASN A 261 30.22 -16.18 17.83
CA ASN A 261 30.31 -17.46 17.16
C ASN A 261 31.37 -17.43 16.05
N ASN A 262 32.26 -16.42 16.06
CA ASN A 262 33.44 -16.34 15.21
C ASN A 262 33.08 -16.44 13.72
N ILE A 263 31.81 -16.27 13.37
CA ILE A 263 31.37 -16.52 12.01
C ILE A 263 32.07 -15.59 11.04
N LEU A 264 32.17 -14.32 11.39
CA LEU A 264 33.00 -13.35 10.67
C LEU A 264 33.82 -12.57 11.70
N ALA A 265 35.02 -12.18 11.32
CA ALA A 265 35.81 -11.33 12.19
C ALA A 265 35.53 -9.88 11.81
N ASP A 266 36.32 -8.95 12.34
CA ASP A 266 35.95 -7.54 12.38
C ASP A 266 36.58 -6.72 11.25
N ASP A 267 36.69 -7.27 10.05
CA ASP A 267 36.92 -6.42 8.88
C ASP A 267 35.59 -5.79 8.47
N VAL A 268 35.52 -5.26 7.25
CA VAL A 268 34.26 -4.71 6.75
C VAL A 268 33.18 -5.76 6.53
N PRO A 269 33.47 -6.99 6.07
CA PRO A 269 32.36 -7.86 5.65
C PRO A 269 31.37 -8.15 6.77
N CYS A 270 31.81 -8.19 8.02
CA CYS A 270 30.88 -8.40 9.13
C CYS A 270 29.91 -7.23 9.24
N HIS A 271 30.43 -6.00 9.22
CA HIS A 271 29.56 -4.84 9.22
C HIS A 271 28.59 -4.86 8.05
N LEU A 272 29.07 -5.25 6.87
CA LEU A 272 28.24 -5.21 5.68
C LEU A 272 27.15 -6.28 5.72
N VAL A 273 27.48 -7.50 6.11
CA VAL A 273 26.47 -8.56 6.19
C VAL A 273 25.46 -8.25 7.30
N SER A 274 25.94 -7.69 8.41
CA SER A 274 25.05 -7.31 9.49
C SER A 274 24.12 -6.20 9.06
N ALA A 275 24.63 -5.25 8.25
CA ALA A 275 23.78 -4.20 7.68
C ALA A 275 22.74 -4.78 6.74
N LEU A 276 23.13 -5.77 5.94
CA LEU A 276 22.18 -6.41 5.04
C LEU A 276 21.07 -7.11 5.80
N ILE A 277 21.39 -7.92 6.78
CA ILE A 277 20.37 -8.54 7.57
C ILE A 277 19.52 -7.49 8.27
N ALA A 278 20.12 -6.50 8.93
CA ALA A 278 19.33 -5.50 9.65
C ALA A 278 18.38 -4.77 8.72
N GLY A 279 18.85 -4.43 7.51
CA GLY A 279 17.97 -3.78 6.56
C GLY A 279 16.81 -4.67 6.13
N PHE A 280 17.10 -5.95 5.88
CA PHE A 280 16.01 -6.84 5.52
C PHE A 280 15.03 -7.01 6.67
N CYS A 281 15.52 -7.13 7.89
CA CYS A 281 14.65 -7.30 9.04
C CYS A 281 13.79 -6.05 9.26
N ALA A 282 14.38 -4.87 9.11
CA ALA A 282 13.62 -3.64 9.26
C ALA A 282 12.55 -3.53 8.18
N THR A 283 12.89 -3.88 6.94
CA THR A 283 11.90 -3.84 5.87
C THR A 283 10.78 -4.84 6.13
N ALA A 284 11.11 -6.04 6.58
CA ALA A 284 10.08 -7.05 6.85
C ALA A 284 9.19 -6.64 8.01
N MET A 285 9.76 -6.07 9.07
CA MET A 285 8.97 -5.67 10.21
C MET A 285 8.09 -4.46 9.91
N SER A 286 8.56 -3.55 9.07
CA SER A 286 7.76 -2.38 8.72
C SER A 286 6.89 -2.60 7.49
N SER A 287 6.98 -3.77 6.84
CA SER A 287 6.18 -4.04 5.65
C SER A 287 4.67 -3.95 5.89
N PRO A 288 4.10 -4.55 6.94
CA PRO A 288 2.64 -4.39 7.13
C PRO A 288 2.22 -2.95 7.28
N VAL A 289 2.93 -2.19 8.09
CA VAL A 289 2.64 -0.78 8.26
C VAL A 289 2.88 -0.02 6.96
N ASP A 290 3.88 -0.42 6.18
CA ASP A 290 4.16 0.24 4.92
C ASP A 290 3.03 0.03 3.91
N VAL A 291 2.53 -1.21 3.83
CA VAL A 291 1.42 -1.50 2.92
C VAL A 291 0.18 -0.71 3.33
N VAL A 292 -0.12 -0.71 4.63
CA VAL A 292 -1.29 0.01 5.11
C VAL A 292 -1.13 1.50 4.88
N LYS A 293 0.06 2.03 5.10
CA LYS A 293 0.34 3.43 4.86
C LYS A 293 0.15 3.79 3.42
N THR A 294 0.68 3.01 2.52
CA THR A 294 0.55 3.29 1.10
C THR A 294 -0.91 3.28 0.68
N ARG A 295 -1.68 2.31 1.12
CA ARG A 295 -3.04 2.23 0.72
C ARG A 295 -3.91 3.25 1.36
N PHE A 296 -3.60 3.67 2.56
CA PHE A 296 -4.36 4.73 3.21
C PHE A 296 -4.05 6.08 2.59
N ILE A 297 -2.77 6.37 2.35
CA ILE A 297 -2.39 7.64 1.75
C ILE A 297 -2.97 7.75 0.35
N ASN A 298 -2.92 6.66 -0.42
CA ASN A 298 -3.41 6.69 -1.79
C ASN A 298 -4.93 6.84 -1.84
N SER A 299 -5.63 6.36 -0.83
CA SER A 299 -7.09 6.31 -0.87
C SER A 299 -7.68 7.71 -0.88
N PRO A 300 -8.75 7.94 -1.66
CA PRO A 300 -9.45 9.21 -1.59
C PRO A 300 -10.22 9.34 -0.30
N PRO A 301 -10.60 10.56 0.08
CA PRO A 301 -11.35 10.74 1.33
C PRO A 301 -12.64 9.93 1.33
N GLY A 302 -12.90 9.25 2.44
CA GLY A 302 -14.10 8.50 2.63
C GLY A 302 -13.97 7.00 2.43
N GLN A 303 -12.93 6.55 1.74
CA GLN A 303 -12.78 5.12 1.51
C GLN A 303 -12.47 4.36 2.80
N TYR A 304 -11.59 4.90 3.64
CA TYR A 304 -11.22 4.27 4.89
C TYR A 304 -11.50 5.23 6.03
N LYS A 305 -12.29 4.79 7.00
CA LYS A 305 -12.64 5.66 8.12
C LYS A 305 -11.48 5.84 9.08
N SER A 306 -10.45 5.01 8.98
CA SER A 306 -9.27 5.09 9.81
C SER A 306 -8.19 4.21 9.20
N VAL A 307 -6.96 4.40 9.67
CA VAL A 307 -5.84 3.55 9.26
C VAL A 307 -6.05 2.11 9.74
N PRO A 308 -6.46 1.87 11.00
CA PRO A 308 -6.80 0.49 11.38
C PRO A 308 -7.93 -0.10 10.56
N ASN A 309 -8.86 0.73 10.10
CA ASN A 309 -9.91 0.25 9.21
C ASN A 309 -9.33 -0.29 7.91
N CYS A 310 -8.38 0.45 7.33
CA CYS A 310 -7.69 -0.01 6.13
C CYS A 310 -6.94 -1.31 6.40
N ALA A 311 -6.25 -1.39 7.54
CA ALA A 311 -5.52 -2.62 7.86
C ALA A 311 -6.47 -3.80 8.02
N MET A 312 -7.61 -3.60 8.68
CA MET A 312 -8.57 -4.68 8.88
C MET A 312 -9.14 -5.14 7.55
N LYS A 313 -9.42 -4.21 6.64
CA LYS A 313 -9.93 -4.62 5.34
C LYS A 313 -8.88 -5.37 4.52
N VAL A 314 -7.62 -4.94 4.61
CA VAL A 314 -6.54 -5.69 3.96
C VAL A 314 -6.46 -7.10 4.52
N PHE A 315 -6.62 -7.24 5.84
CA PHE A 315 -6.52 -8.55 6.47
C PHE A 315 -7.69 -9.45 6.08
N THR A 316 -8.92 -8.93 6.14
CA THR A 316 -10.08 -9.77 5.90
C THR A 316 -10.23 -10.11 4.42
N ASN A 317 -9.88 -9.20 3.53
CA ASN A 317 -10.13 -9.42 2.11
C ASN A 317 -8.94 -9.96 1.36
N GLU A 318 -7.75 -9.89 1.94
CA GLU A 318 -6.55 -10.30 1.23
C GLU A 318 -5.60 -11.17 2.00
N GLY A 319 -5.73 -11.28 3.32
CA GLY A 319 -4.93 -12.18 4.09
C GLY A 319 -3.66 -11.58 4.64
N PRO A 320 -2.89 -12.38 5.37
CA PRO A 320 -1.67 -11.83 5.99
C PRO A 320 -0.56 -11.53 5.00
N THR A 321 -0.39 -12.35 3.95
CA THR A 321 0.69 -12.11 3.01
C THR A 321 0.53 -10.79 2.28
N ALA A 322 -0.69 -10.26 2.17
CA ALA A 322 -0.89 -8.96 1.56
C ALA A 322 -0.18 -7.85 2.33
N PHE A 323 0.17 -8.09 3.59
CA PHE A 323 0.92 -7.12 4.36
C PHE A 323 2.40 -7.13 4.01
N PHE A 324 2.82 -7.97 3.08
CA PHE A 324 4.20 -8.02 2.62
C PHE A 324 4.29 -7.85 1.11
N LYS A 325 3.29 -7.20 0.53
CA LYS A 325 3.33 -6.87 -0.88
C LYS A 325 4.45 -5.87 -1.16
N GLY A 326 5.16 -6.08 -2.25
CA GLY A 326 6.27 -5.20 -2.58
C GLY A 326 7.41 -5.24 -1.60
N LEU A 327 7.59 -6.36 -0.90
CA LEU A 327 8.67 -6.45 0.08
C LEU A 327 10.03 -6.46 -0.59
N VAL A 328 10.18 -7.18 -1.69
CA VAL A 328 11.46 -7.27 -2.40
C VAL A 328 11.84 -5.91 -2.98
N PRO A 329 10.98 -5.20 -3.71
CA PRO A 329 11.35 -3.84 -4.14
C PRO A 329 11.61 -2.90 -2.97
N SER A 330 10.87 -3.05 -1.87
CA SER A 330 11.09 -2.22 -0.70
C SER A 330 12.47 -2.44 -0.11
N PHE A 331 12.88 -3.71 0.00
CA PHE A 331 14.19 -4.01 0.57
C PHE A 331 15.31 -3.59 -0.38
N LEU A 332 15.11 -3.79 -1.68
CA LEU A 332 16.10 -3.35 -2.64
C LEU A 332 16.26 -1.84 -2.61
N ARG A 333 15.15 -1.10 -2.54
CA ARG A 333 15.25 0.34 -2.46
C ARG A 333 15.90 0.78 -1.16
N LEU A 334 15.53 0.18 -0.04
CA LEU A 334 16.14 0.56 1.23
C LEU A 334 17.65 0.35 1.19
N GLY A 335 18.09 -0.84 0.77
CA GLY A 335 19.51 -1.12 0.75
C GLY A 335 20.28 -0.26 -0.22
N SER A 336 19.81 -0.20 -1.48
CA SER A 336 20.52 0.58 -2.49
C SER A 336 20.50 2.06 -2.19
N TRP A 337 19.34 2.58 -1.78
CA TRP A 337 19.22 3.98 -1.40
C TRP A 337 20.19 4.31 -0.28
N ASN A 338 20.24 3.48 0.76
CA ASN A 338 21.11 3.77 1.88
C ASN A 338 22.58 3.70 1.49
N VAL A 339 22.96 2.73 0.66
CA VAL A 339 24.35 2.63 0.24
C VAL A 339 24.76 3.84 -0.58
N ILE A 340 23.94 4.19 -1.59
CA ILE A 340 24.25 5.32 -2.46
C ILE A 340 24.28 6.61 -1.66
N MET A 341 23.28 6.80 -0.78
CA MET A 341 23.21 8.01 0.02
C MET A 341 24.40 8.11 0.95
N PHE A 342 24.80 7.01 1.58
CA PHE A 342 25.93 7.07 2.49
C PHE A 342 27.22 7.41 1.75
N VAL A 343 27.44 6.79 0.59
CA VAL A 343 28.66 7.07 -0.17
C VAL A 343 28.70 8.53 -0.61
N CYS A 344 27.61 8.99 -1.21
CA CYS A 344 27.57 10.37 -1.68
C CYS A 344 27.63 11.36 -0.54
N PHE A 345 26.99 11.04 0.59
CA PHE A 345 26.98 11.94 1.73
C PHE A 345 28.37 12.11 2.31
N GLU A 346 29.07 11.00 2.57
CA GLU A 346 30.43 11.11 3.10
C GLU A 346 31.34 11.83 2.12
N GLN A 347 31.21 11.51 0.83
CA GLN A 347 32.05 12.17 -0.17
C GLN A 347 31.77 13.66 -0.22
N LEU A 348 30.50 14.05 -0.21
CA LEU A 348 30.14 15.47 -0.25
C LEU A 348 30.62 16.19 1.00
N LYS A 349 30.45 15.58 2.17
CA LYS A 349 30.89 16.23 3.39
C LYS A 349 32.38 16.49 3.37
N ARG A 350 33.18 15.49 2.97
CA ARG A 350 34.62 15.73 2.97
C ARG A 350 35.02 16.70 1.86
N GLU A 351 34.38 16.58 0.70
CA GLU A 351 34.81 17.33 -0.46
C GLU A 351 34.46 18.80 -0.31
N LEU A 352 33.28 19.09 0.25
CA LEU A 352 32.94 20.46 0.58
C LEU A 352 33.78 20.96 1.75
N SER A 353 33.76 20.22 2.87
CA SER A 353 34.37 20.70 4.10
C SER A 353 35.85 20.96 3.94
N LYS A 354 36.50 20.35 2.95
CA LYS A 354 37.88 20.74 2.65
C LYS A 354 37.93 22.08 1.95
N SER A 355 37.04 22.31 0.99
CA SER A 355 37.05 23.52 0.20
C SER A 355 35.85 24.40 0.54
N GLN B 3 -20.12 -17.49 12.80
CA GLN B 3 -21.29 -18.18 12.28
C GLN B 3 -21.84 -17.44 11.07
N VAL B 4 -21.04 -17.39 10.02
CA VAL B 4 -21.43 -16.68 8.81
C VAL B 4 -22.68 -17.32 8.22
N GLN B 5 -23.68 -16.50 7.94
CA GLN B 5 -24.93 -16.94 7.35
C GLN B 5 -25.34 -15.94 6.29
N LEU B 6 -25.50 -16.39 5.06
CA LEU B 6 -25.96 -15.55 3.96
C LEU B 6 -27.31 -16.06 3.49
N VAL B 7 -28.31 -15.18 3.48
CA VAL B 7 -29.65 -15.56 3.09
C VAL B 7 -30.06 -14.68 1.93
N GLU B 8 -30.20 -15.27 0.74
CA GLU B 8 -30.64 -14.55 -0.44
C GLU B 8 -32.15 -14.66 -0.58
N SER B 9 -32.76 -13.55 -0.96
CA SER B 9 -34.19 -13.50 -1.23
C SER B 9 -34.43 -12.57 -2.41
N GLY B 10 -35.70 -12.46 -2.81
CA GLY B 10 -36.10 -11.55 -3.85
C GLY B 10 -36.13 -12.13 -5.24
N GLY B 11 -35.71 -13.38 -5.40
CA GLY B 11 -35.79 -14.01 -6.71
C GLY B 11 -37.19 -14.46 -7.05
N GLY B 12 -37.39 -14.73 -8.32
CA GLY B 12 -38.69 -15.17 -8.77
C GLY B 12 -38.72 -15.31 -10.28
N LEU B 13 -39.94 -15.43 -10.80
CA LEU B 13 -40.19 -15.62 -12.22
C LEU B 13 -40.65 -14.29 -12.81
N VAL B 14 -39.88 -13.78 -13.76
CA VAL B 14 -40.18 -12.52 -14.42
C VAL B 14 -40.01 -12.71 -15.92
N GLN B 15 -40.74 -11.92 -16.69
CA GLN B 15 -40.63 -11.94 -18.15
C GLN B 15 -39.31 -11.35 -18.61
N ALA B 16 -38.96 -11.64 -19.86
CA ALA B 16 -37.78 -11.05 -20.46
C ALA B 16 -37.95 -9.54 -20.58
N GLY B 17 -36.92 -8.81 -20.18
CA GLY B 17 -36.98 -7.37 -20.08
C GLY B 17 -37.40 -6.84 -18.74
N GLY B 18 -37.83 -7.71 -17.83
CA GLY B 18 -38.23 -7.29 -16.51
C GLY B 18 -37.06 -7.04 -15.58
N SER B 19 -37.38 -6.48 -14.43
CA SER B 19 -36.40 -6.15 -13.42
C SER B 19 -36.68 -6.94 -12.15
N LEU B 20 -35.66 -7.11 -11.32
CA LEU B 20 -35.80 -7.91 -10.12
C LEU B 20 -34.69 -7.51 -9.16
N ARG B 21 -35.04 -7.23 -7.91
CA ARG B 21 -34.06 -6.82 -6.90
C ARG B 21 -33.84 -7.98 -5.94
N LEU B 22 -32.63 -8.49 -5.90
CA LEU B 22 -32.23 -9.55 -4.99
C LEU B 22 -31.60 -8.97 -3.73
N SER B 23 -31.93 -9.56 -2.60
CA SER B 23 -31.38 -9.17 -1.31
C SER B 23 -30.55 -10.30 -0.74
N CYS B 24 -29.55 -9.91 0.04
CA CYS B 24 -28.69 -10.85 0.75
C CYS B 24 -28.53 -10.34 2.16
N ALA B 25 -29.19 -11.00 3.11
CA ALA B 25 -29.00 -10.70 4.52
C ALA B 25 -27.79 -11.48 5.02
N ALA B 26 -26.77 -10.73 5.43
CA ALA B 26 -25.53 -11.30 5.94
C ALA B 26 -25.54 -11.28 7.46
N SER B 27 -25.10 -12.39 8.05
CA SER B 27 -25.17 -12.55 9.49
C SER B 27 -23.93 -13.29 9.98
N GLY B 28 -23.60 -13.08 11.24
CA GLY B 28 -22.52 -13.79 11.88
C GLY B 28 -21.13 -13.27 11.60
N PHE B 29 -20.99 -12.09 11.01
CA PHE B 29 -19.67 -11.52 10.76
C PHE B 29 -19.82 -10.02 10.57
N PRO B 30 -18.74 -9.25 10.78
CA PRO B 30 -18.77 -7.80 10.53
C PRO B 30 -18.70 -7.44 9.06
N VAL B 31 -19.87 -7.36 8.41
CA VAL B 31 -19.94 -7.16 6.96
C VAL B 31 -19.20 -5.93 6.50
N MET B 32 -18.96 -4.97 7.39
CA MET B 32 -18.30 -3.72 7.03
C MET B 32 -16.86 -3.88 6.62
N TYR B 33 -16.27 -5.06 6.85
CA TYR B 33 -14.87 -5.30 6.51
C TYR B 33 -14.69 -6.22 5.31
N TYR B 34 -15.77 -6.68 4.70
CA TYR B 34 -15.69 -7.71 3.68
C TYR B 34 -16.25 -7.22 2.36
N ASN B 35 -15.55 -7.54 1.28
CA ASN B 35 -16.13 -7.43 -0.05
C ASN B 35 -17.17 -8.51 -0.24
N MET B 36 -18.25 -8.18 -0.93
CA MET B 36 -19.35 -9.10 -1.13
C MET B 36 -19.48 -9.42 -2.62
N HIS B 37 -19.83 -10.66 -2.92
CA HIS B 37 -19.92 -11.09 -4.30
C HIS B 37 -21.28 -11.69 -4.58
N TRP B 38 -21.70 -11.58 -5.84
CA TRP B 38 -22.85 -12.28 -6.37
C TRP B 38 -22.35 -13.20 -7.47
N TYR B 39 -22.68 -14.48 -7.34
CA TYR B 39 -22.46 -15.49 -8.35
C TYR B 39 -23.81 -15.97 -8.85
N ARG B 40 -23.79 -16.71 -9.95
CA ARG B 40 -24.99 -17.38 -10.41
C ARG B 40 -24.61 -18.71 -11.01
N GLN B 41 -25.54 -19.65 -10.96
CA GLN B 41 -25.33 -20.95 -11.56
C GLN B 41 -26.62 -21.44 -12.19
N ALA B 42 -26.55 -21.76 -13.41
CA ALA B 42 -27.67 -22.45 -14.01
C ALA B 42 -27.34 -23.93 -14.17
N PRO B 43 -28.34 -24.81 -14.17
CA PRO B 43 -28.06 -26.22 -14.45
C PRO B 43 -27.39 -26.38 -15.81
N GLY B 44 -26.38 -27.23 -15.84
CA GLY B 44 -25.61 -27.41 -17.05
C GLY B 44 -24.49 -26.41 -17.25
N LYS B 45 -24.28 -25.50 -16.31
CA LYS B 45 -23.20 -24.54 -16.40
C LYS B 45 -22.46 -24.44 -15.08
N GLU B 46 -21.20 -24.04 -15.18
CA GLU B 46 -20.36 -23.77 -14.02
C GLU B 46 -20.83 -22.50 -13.33
N ARG B 47 -20.61 -22.43 -12.02
CA ARG B 47 -20.97 -21.24 -11.27
C ARG B 47 -20.21 -20.03 -11.81
N GLU B 48 -20.94 -18.96 -12.07
CA GLU B 48 -20.45 -17.80 -12.79
C GLU B 48 -20.42 -16.60 -11.87
N TRP B 49 -19.26 -15.96 -11.77
CA TRP B 49 -19.18 -14.72 -11.01
C TRP B 49 -19.95 -13.62 -11.72
N VAL B 50 -20.77 -12.90 -10.97
CA VAL B 50 -21.64 -11.86 -11.52
C VAL B 50 -21.16 -10.47 -11.12
N ALA B 51 -21.02 -10.23 -9.83
CA ALA B 51 -20.75 -8.88 -9.36
C ALA B 51 -19.95 -8.93 -8.07
N ALA B 52 -19.27 -7.84 -7.77
CA ALA B 52 -18.51 -7.70 -6.55
C ALA B 52 -18.60 -6.25 -6.09
N ILE B 53 -18.65 -6.06 -4.78
CA ILE B 53 -18.73 -4.73 -4.20
C ILE B 53 -17.77 -4.67 -3.02
N GLU B 54 -17.17 -3.50 -2.85
CA GLU B 54 -16.20 -3.22 -1.79
C GLU B 54 -16.88 -3.29 -0.41
N SER B 55 -16.05 -3.15 0.62
CA SER B 55 -16.52 -3.26 2.00
C SER B 55 -17.56 -2.21 2.33
N THR B 56 -17.34 -0.98 1.89
CA THR B 56 -18.29 0.11 2.08
C THR B 56 -18.90 0.59 0.78
N GLY B 57 -18.73 -0.18 -0.30
CA GLY B 57 -19.27 0.20 -1.58
C GLY B 57 -18.45 1.18 -2.37
N TRP B 58 -17.15 1.26 -2.11
CA TRP B 58 -16.32 2.24 -2.80
C TRP B 58 -16.20 1.92 -4.28
N TRP B 59 -15.99 0.65 -4.62
CA TRP B 59 -15.98 0.21 -6.01
C TRP B 59 -16.98 -0.92 -6.18
N ALA B 60 -17.42 -1.10 -7.42
CA ALA B 60 -18.25 -2.22 -7.80
C ALA B 60 -17.79 -2.71 -9.16
N HIS B 61 -17.69 -4.02 -9.33
CA HIS B 61 -17.27 -4.61 -10.58
C HIS B 61 -18.26 -5.67 -11.01
N TYR B 62 -18.44 -5.78 -12.33
CA TYR B 62 -19.44 -6.65 -12.91
C TYR B 62 -18.82 -7.51 -13.99
N ALA B 63 -19.40 -8.68 -14.19
CA ALA B 63 -19.10 -9.46 -15.38
C ALA B 63 -19.59 -8.71 -16.61
N ASP B 64 -18.89 -8.93 -17.74
CA ASP B 64 -19.25 -8.21 -18.96
C ASP B 64 -20.65 -8.56 -19.44
N SER B 65 -21.13 -9.76 -19.12
CA SER B 65 -22.46 -10.17 -19.56
C SER B 65 -23.57 -9.43 -18.83
N VAL B 66 -23.29 -8.86 -17.67
CA VAL B 66 -24.31 -8.24 -16.83
C VAL B 66 -24.11 -6.75 -16.65
N LYS B 67 -22.97 -6.20 -17.07
CA LYS B 67 -22.64 -4.81 -16.76
C LYS B 67 -23.59 -3.86 -17.48
N GLY B 68 -24.14 -2.91 -16.73
CA GLY B 68 -25.16 -2.01 -17.22
C GLY B 68 -26.56 -2.46 -16.89
N ARG B 69 -26.78 -3.78 -16.94
CA ARG B 69 -28.09 -4.32 -16.58
C ARG B 69 -28.17 -4.61 -15.08
N PHE B 70 -27.09 -5.13 -14.51
CA PHE B 70 -27.06 -5.48 -13.09
C PHE B 70 -26.24 -4.44 -12.34
N THR B 71 -26.76 -3.99 -11.20
CA THR B 71 -26.02 -3.16 -10.28
C THR B 71 -25.96 -3.83 -8.92
N ILE B 72 -24.82 -3.72 -8.27
CA ILE B 72 -24.62 -4.25 -6.93
C ILE B 72 -24.57 -3.08 -5.95
N SER B 73 -25.29 -3.21 -4.86
CA SER B 73 -25.48 -2.15 -3.89
C SER B 73 -25.28 -2.74 -2.51
N ARG B 74 -25.11 -1.87 -1.52
CA ARG B 74 -24.75 -2.35 -0.19
C ARG B 74 -25.44 -1.49 0.86
N ASP B 75 -25.71 -2.11 2.01
CA ASP B 75 -26.19 -1.38 3.18
C ASP B 75 -25.65 -2.12 4.40
N ASN B 76 -24.52 -1.65 4.94
CA ASN B 76 -23.91 -2.32 6.07
C ASN B 76 -24.65 -2.05 7.37
N ALA B 77 -25.49 -1.01 7.41
CA ALA B 77 -26.32 -0.79 8.59
C ALA B 77 -27.44 -1.82 8.67
N LYS B 78 -27.78 -2.45 7.55
CA LYS B 78 -28.73 -3.53 7.51
C LYS B 78 -28.07 -4.88 7.26
N ASN B 79 -26.76 -4.90 7.03
CA ASN B 79 -26.01 -6.09 6.68
C ASN B 79 -26.57 -6.75 5.42
N THR B 80 -27.01 -5.93 4.48
CA THR B 80 -27.66 -6.41 3.28
C THR B 80 -26.88 -6.02 2.04
N VAL B 81 -26.82 -6.94 1.09
CA VAL B 81 -26.25 -6.68 -0.23
C VAL B 81 -27.37 -6.84 -1.25
N TYR B 82 -27.42 -5.92 -2.21
CA TYR B 82 -28.49 -5.89 -3.19
C TYR B 82 -27.94 -6.11 -4.58
N LEU B 83 -28.72 -6.83 -5.39
CA LEU B 83 -28.45 -6.99 -6.81
C LEU B 83 -29.70 -6.56 -7.57
N GLN B 84 -29.66 -5.37 -8.16
CA GLN B 84 -30.73 -4.93 -9.04
C GLN B 84 -30.44 -5.46 -10.44
N MET B 85 -31.38 -6.21 -11.00
CA MET B 85 -31.22 -6.83 -12.30
C MET B 85 -32.28 -6.29 -13.23
N ASN B 86 -31.88 -5.45 -14.16
CA ASN B 86 -32.77 -4.90 -15.17
C ASN B 86 -32.54 -5.60 -16.49
N SER B 87 -33.49 -5.41 -17.40
CA SER B 87 -33.41 -5.90 -18.76
C SER B 87 -33.01 -7.37 -18.78
N LEU B 88 -33.77 -8.16 -18.03
CA LEU B 88 -33.43 -9.57 -17.84
C LEU B 88 -33.72 -10.36 -19.10
N LYS B 89 -32.83 -11.29 -19.39
CA LYS B 89 -32.87 -12.18 -20.54
C LYS B 89 -33.10 -13.61 -20.08
N PRO B 90 -33.68 -14.46 -20.92
CA PRO B 90 -33.91 -15.85 -20.50
C PRO B 90 -32.64 -16.57 -20.10
N GLU B 91 -31.49 -16.17 -20.62
CA GLU B 91 -30.20 -16.72 -20.25
C GLU B 91 -29.72 -16.25 -18.88
N ASP B 92 -30.42 -15.32 -18.26
CA ASP B 92 -30.14 -14.94 -16.88
C ASP B 92 -30.78 -15.87 -15.87
N THR B 93 -31.61 -16.81 -16.34
CA THR B 93 -32.22 -17.81 -15.46
C THR B 93 -31.14 -18.64 -14.79
N ALA B 94 -31.07 -18.57 -13.47
CA ALA B 94 -30.05 -19.24 -12.69
C ALA B 94 -30.43 -19.11 -11.22
N VAL B 95 -29.73 -19.87 -10.38
CA VAL B 95 -29.78 -19.64 -8.95
C VAL B 95 -28.67 -18.66 -8.61
N TYR B 96 -29.03 -17.57 -7.96
CA TYR B 96 -28.09 -16.51 -7.65
C TYR B 96 -27.64 -16.64 -6.20
N TYR B 97 -26.33 -16.56 -6.00
CA TYR B 97 -25.70 -16.84 -4.72
C TYR B 97 -24.98 -15.61 -4.21
N CYS B 98 -25.21 -15.30 -2.94
CA CYS B 98 -24.40 -14.32 -2.23
C CYS B 98 -23.16 -14.99 -1.66
N ASN B 99 -22.02 -14.32 -1.75
CA ASN B 99 -20.74 -14.94 -1.41
C ASN B 99 -19.90 -13.99 -0.59
N VAL B 100 -19.25 -14.54 0.43
CA VAL B 100 -18.20 -13.86 1.17
C VAL B 100 -16.94 -14.69 1.06
N LYS B 101 -15.84 -14.07 0.67
CA LYS B 101 -14.54 -14.72 0.67
C LYS B 101 -13.77 -14.21 1.89
N ASP B 102 -13.52 -15.08 2.85
CA ASP B 102 -12.84 -14.72 4.09
C ASP B 102 -11.41 -15.20 4.05
N PHE B 103 -10.45 -14.28 4.21
CA PHE B 103 -9.06 -14.70 4.44
C PHE B 103 -8.75 -14.84 5.93
N GLY B 104 -8.65 -13.74 6.64
CA GLY B 104 -8.12 -13.82 7.99
C GLY B 104 -6.81 -14.58 8.01
N TRP B 105 -6.70 -15.52 8.96
CA TRP B 105 -5.51 -16.35 9.09
C TRP B 105 -5.70 -17.63 8.27
N ARG B 106 -5.58 -17.48 6.95
CA ARG B 106 -5.82 -18.55 6.00
C ARG B 106 -4.85 -18.42 4.83
N TRP B 107 -4.44 -19.57 4.30
CA TRP B 107 -3.62 -19.57 3.09
C TRP B 107 -4.42 -19.06 1.90
N GLU B 108 -5.63 -19.58 1.71
CA GLU B 108 -6.51 -19.12 0.65
C GLU B 108 -7.78 -18.57 1.29
N ALA B 109 -8.48 -17.74 0.53
CA ALA B 109 -9.81 -17.31 0.95
C ALA B 109 -10.74 -18.50 0.99
N TYR B 110 -11.64 -18.50 1.98
CA TYR B 110 -12.65 -19.51 2.13
C TYR B 110 -14.00 -18.91 1.75
N ASP B 111 -14.75 -19.63 0.93
CA ASP B 111 -16.03 -19.13 0.43
C ASP B 111 -17.18 -19.53 1.35
N TYR B 112 -17.98 -18.55 1.72
CA TYR B 112 -19.28 -18.76 2.33
C TYR B 112 -20.35 -18.37 1.31
N TRP B 113 -21.36 -19.22 1.19
CA TRP B 113 -22.43 -19.04 0.22
C TRP B 113 -23.78 -19.04 0.94
N GLY B 114 -24.77 -18.44 0.30
CA GLY B 114 -26.14 -18.63 0.71
C GLY B 114 -26.72 -19.89 0.10
N GLN B 115 -28.00 -20.10 0.36
CA GLN B 115 -28.72 -21.17 -0.31
C GLN B 115 -28.99 -20.84 -1.77
N GLY B 116 -28.92 -19.58 -2.15
CA GLY B 116 -29.26 -19.13 -3.47
C GLY B 116 -30.75 -18.83 -3.59
N THR B 117 -31.05 -17.90 -4.48
CA THR B 117 -32.44 -17.60 -4.82
C THR B 117 -32.59 -17.80 -6.32
N GLN B 118 -33.63 -18.53 -6.71
CA GLN B 118 -33.83 -18.87 -8.11
C GLN B 118 -34.46 -17.70 -8.84
N VAL B 119 -33.88 -17.34 -9.98
CA VAL B 119 -34.39 -16.31 -10.87
C VAL B 119 -34.65 -16.97 -12.21
N THR B 120 -35.90 -17.03 -12.63
CA THR B 120 -36.29 -17.56 -13.91
C THR B 120 -36.84 -16.43 -14.77
N VAL B 121 -36.26 -16.25 -15.95
CA VAL B 121 -36.71 -15.22 -16.88
C VAL B 121 -37.53 -15.90 -17.97
N SER B 122 -38.79 -15.52 -18.08
CA SER B 122 -39.73 -16.16 -18.98
C SER B 122 -39.61 -15.59 -20.40
N SER B 123 -39.91 -16.45 -21.38
CA SER B 123 -39.79 -16.08 -22.78
C SER B 123 -41.14 -16.10 -23.48
N LEU B 124 -42.20 -15.77 -22.77
CA LEU B 124 -43.54 -15.92 -23.33
C LEU B 124 -43.97 -14.67 -24.08
N GLU B 125 -44.85 -14.87 -25.04
CA GLU B 125 -45.32 -13.80 -25.91
C GLU B 125 -46.82 -13.71 -25.77
N HIS B 126 -47.30 -12.50 -25.47
CA HIS B 126 -48.70 -12.29 -25.21
C HIS B 126 -49.33 -11.39 -26.26
PG ATP C . 9.74 4.37 0.40
O1G ATP C . 8.47 4.72 -0.30
O2G ATP C . 10.98 4.85 -0.29
O3G ATP C . 9.85 2.94 0.85
PB ATP C . 9.65 6.82 1.78
O1B ATP C . 9.54 7.32 0.38
O2B ATP C . 8.67 7.28 2.82
O3B ATP C . 9.63 5.21 1.76
PA ATP C . 12.13 8.17 1.73
O1A ATP C . 12.04 9.44 2.51
O2A ATP C . 12.00 8.18 0.23
O3A ATP C . 11.11 7.11 2.36
O5' ATP C . 13.54 7.49 2.06
C5' ATP C . 14.29 6.83 1.05
C4' ATP C . 14.67 5.46 1.57
O4' ATP C . 15.20 5.56 2.90
C3' ATP C . 13.47 4.55 1.66
O3' ATP C . 13.78 3.36 0.96
C2' ATP C . 13.29 4.23 3.12
O2' ATP C . 12.94 2.86 3.30
C1' ATP C . 14.65 4.54 3.70
N9 ATP C . 14.51 4.98 5.10
C8 ATP C . 13.57 5.80 5.59
N7 ATP C . 13.73 6.00 6.91
C5 ATP C . 14.80 5.30 7.29
C6 ATP C . 15.54 5.05 8.54
N6 ATP C . 15.15 5.63 9.70
N1 ATP C . 16.60 4.24 8.49
C2 ATP C . 17.01 3.66 7.35
N3 ATP C . 16.40 3.83 6.19
C4 ATP C . 15.30 4.62 6.10
C1 CDL D . -4.87 10.08 13.31
O1 CDL D . -5.44 11.38 13.36
CA2 CDL D . -5.89 9.04 13.69
OA2 CDL D . -5.41 7.81 13.17
PA1 CDL D . -6.24 6.44 13.30
OA3 CDL D . -6.92 6.37 14.65
OA4 CDL D . -7.05 6.31 12.05
OA5 CDL D . -5.06 5.36 13.28
CA3 CDL D . -3.83 5.68 13.92
CA4 CDL D . -2.99 4.44 14.15
OA6 CDL D . -1.77 4.85 14.78
CA5 CDL D . -1.41 4.01 15.90
OA7 CDL D . -2.02 2.96 16.08
C11 CDL D . -0.31 4.42 16.84
CA6 CDL D . -2.67 3.78 12.82
OA8 CDL D . -2.67 2.35 12.96
CA7 CDL D . -2.20 1.49 11.90
OA9 CDL D . -1.43 1.94 11.07
C31 CDL D . -2.64 0.04 11.80
C32 CDL D . -1.43 -0.88 11.87
C33 CDL D . -0.75 -1.07 10.52
C34 CDL D . -0.86 -2.51 10.05
C35 CDL D . -0.21 -3.46 11.05
C36 CDL D . -0.49 -4.90 10.67
CB2 CDL D . -4.49 9.78 11.88
OB2 CDL D . -3.77 10.88 11.36
PB2 CDL D . -3.42 10.92 9.80
OB3 CDL D . -2.50 9.77 9.54
OB4 CDL D . -4.68 11.07 8.99
OB5 CDL D . -2.59 12.29 9.78
CB3 CDL D . -3.22 13.54 9.58
CB4 CDL D . -2.37 14.55 10.33
OB6 CDL D . -2.53 14.27 11.71
CB5 CDL D . -1.26 14.16 12.41
OB7 CDL D . -0.22 14.38 11.82
C51 CDL D . -1.27 13.78 13.87
C52 CDL D . 0.14 13.47 14.35
C53 CDL D . 0.11 13.09 15.82
C54 CDL D . 1.49 12.66 16.32
CB6 CDL D . -2.86 15.97 10.05
OB8 CDL D . -1.84 16.88 10.45
CB7 CDL D . -1.98 18.28 10.18
OB9 CDL D . -2.91 18.64 9.47
C71 CDL D . -1.04 19.31 10.75
C72 CDL D . 0.24 19.34 9.95
C73 CDL D . 0.92 20.70 10.04
C74 CDL D . 0.09 21.75 9.32
C75 CDL D . 0.68 23.14 9.51
O12 PC1 E . 5.75 15.02 -11.17
P PC1 E . 5.77 14.26 -12.45
O14 PC1 E . 4.83 13.10 -12.62
O13 PC1 E . 5.50 15.32 -13.63
O11 PC1 E . 7.28 13.75 -12.76
C1 PC1 E . 7.62 13.06 -13.96
C2 PC1 E . 9.06 13.33 -14.36
O21 PC1 E . 9.91 12.26 -13.99
C21 PC1 E . 10.77 11.82 -15.07
O22 PC1 E . 10.28 11.26 -16.02
C22 PC1 E . 12.26 12.02 -14.99
C23 PC1 E . 13.03 10.81 -15.47
C24 PC1 E . 14.47 10.87 -14.96
C25 PC1 E . 15.28 9.67 -15.42
C26 PC1 E . 16.56 9.52 -14.62
C27 PC1 E . 17.20 8.16 -14.86
C28 PC1 E . 18.36 7.88 -13.91
C29 PC1 E . 19.62 8.60 -14.39
C3 PC1 E . 9.55 14.58 -13.62
O31 PC1 E . 10.96 14.51 -13.48
C31 PC1 E . 11.76 15.66 -13.85
O32 PC1 E . 11.19 16.69 -14.14
C32 PC1 E . 13.28 15.58 -13.91
C33 PC1 E . 13.88 15.72 -12.52
C34 PC1 E . 15.33 16.20 -12.58
C35 PC1 E . 16.25 15.20 -13.26
C36 PC1 E . 16.69 14.08 -12.32
C37 PC1 E . 17.56 14.62 -11.18
C38 PC1 E . 19.02 14.72 -11.60
O12 PC1 F . 1.48 -11.47 -5.02
P PC1 F . 1.69 -10.55 -3.84
O14 PC1 F . 2.21 -9.16 -4.05
O13 PC1 F . 0.30 -10.46 -3.02
O11 PC1 F . 2.67 -11.31 -2.82
C1 PC1 F . 2.97 -10.82 -1.52
C2 PC1 F . 4.24 -11.53 -1.09
O21 PC1 F . 4.57 -11.22 0.25
C21 PC1 F . 4.87 -12.42 1.02
O22 PC1 F . 4.09 -13.35 1.00
C22 PC1 F . 6.15 -12.49 1.81
C23 PC1 F . 5.90 -12.97 3.24
C24 PC1 F . 7.21 -12.87 4.01
C25 PC1 F . 6.99 -12.75 5.51
C26 PC1 F . 8.28 -12.27 6.18
C27 PC1 F . 8.03 -11.87 7.63
C3 PC1 F . 5.37 -11.06 -1.99
O31 PC1 F . 6.60 -11.54 -1.45
C31 PC1 F . 7.58 -12.19 -2.30
O32 PC1 F . 7.50 -12.07 -3.51
C32 PC1 F . 8.66 -13.03 -1.67
C33 PC1 F . 9.32 -12.25 -0.54
C34 PC1 F . 9.89 -13.21 0.49
C35 PC1 F . 11.05 -12.60 1.26
C36 PC1 F . 12.31 -12.57 0.40
#